data_6WE1
#
_entry.id   6WE1
#
_cell.length_a   50.626
_cell.length_b   50.626
_cell.length_c   241.977
_cell.angle_alpha   90.000
_cell.angle_beta   90.000
_cell.angle_gamma   90.000
#
_symmetry.space_group_name_H-M   'P 41 21 2'
#
loop_
_entity.id
_entity.type
_entity.pdbx_description
1 polymer 'Replication-associated protein'
2 polymer "DNA (5'-D(*AP*AP*TP*AP*TP*TP*AP*C)-3')"
3 non-polymer 'MANGANESE (II) ION'
4 water water
#
loop_
_entity_poly.entity_id
_entity_poly.type
_entity_poly.pdbx_seq_one_letter_code
_entity_poly.pdbx_strand_id
1 'polypeptide(L)'
;MASSSTPRFRVYSKYLFLTYPQCTLEPQYALDSLRTLLNKYEPLYIAAVRELHEDGSPHLHVLVQNKLRASITNPNALNL
RMDTSPFSIFHPNIQAAKDCNQVRDFITKEVDSDVNTAEWGTFVAVSTPGRKDRDADLE
;
A,D
2 'polydeoxyribonucleotide' (DA)(DA)(DT)(DA)(DT)(DT)(DA)(DC) C,F
#
# COMPACT_ATOMS: atom_id res chain seq x y z
N ARG A 8 3.73 -17.86 1.31
CA ARG A 8 2.53 -18.29 2.02
C ARG A 8 1.70 -17.07 2.46
N PHE A 9 0.47 -17.02 1.96
CA PHE A 9 -0.43 -15.88 2.10
C PHE A 9 -1.54 -16.22 3.09
N ARG A 10 -1.81 -15.30 4.03
CA ARG A 10 -2.91 -15.46 4.98
C ARG A 10 -3.43 -14.08 5.38
N VAL A 11 -4.71 -13.81 5.10
CA VAL A 11 -5.44 -12.67 5.65
C VAL A 11 -6.48 -13.24 6.59
N TYR A 12 -6.44 -12.82 7.86
CA TYR A 12 -7.32 -13.31 8.92
C TYR A 12 -7.92 -12.10 9.63
N SER A 13 -9.07 -11.63 9.16
CA SER A 13 -9.64 -10.40 9.70
C SER A 13 -11.13 -10.29 9.43
N LYS A 14 -11.82 -9.55 10.31
CA LYS A 14 -13.23 -9.23 10.11
C LYS A 14 -13.43 -8.15 9.06
N TYR A 15 -12.39 -7.40 8.70
CA TYR A 15 -12.52 -6.22 7.86
C TYR A 15 -11.53 -6.32 6.72
N LEU A 16 -11.99 -6.10 5.49
CA LEU A 16 -11.19 -6.34 4.30
C LEU A 16 -11.21 -5.11 3.40
N PHE A 17 -10.04 -4.75 2.91
CA PHE A 17 -9.87 -3.67 1.94
C PHE A 17 -9.39 -4.33 0.64
N LEU A 18 -10.27 -4.44 -0.34
CA LEU A 18 -9.95 -5.03 -1.64
C LEU A 18 -9.64 -3.94 -2.65
N THR A 19 -8.71 -4.24 -3.57
CA THR A 19 -8.45 -3.36 -4.71
C THR A 19 -8.29 -4.21 -5.96
N TYR A 20 -9.03 -3.86 -7.01
CA TYR A 20 -8.98 -4.55 -8.29
C TYR A 20 -8.45 -3.58 -9.33
N PRO A 21 -7.15 -3.58 -9.61
CA PRO A 21 -6.59 -2.68 -10.62
C PRO A 21 -6.96 -3.13 -12.02
N GLN A 22 -6.82 -2.20 -12.99
CA GLN A 22 -7.25 -2.43 -14.35
C GLN A 22 -8.56 -3.21 -14.40
N CYS A 23 -9.51 -2.85 -13.54
CA CYS A 23 -10.81 -3.51 -13.45
C CYS A 23 -11.93 -2.49 -13.62
N THR A 24 -12.97 -2.90 -14.36
CA THR A 24 -14.07 -1.99 -14.70
C THR A 24 -15.45 -2.51 -14.33
N LEU A 25 -15.57 -3.62 -13.60
CA LEU A 25 -16.85 -4.13 -13.15
C LEU A 25 -17.74 -3.01 -12.64
N GLU A 26 -18.97 -2.99 -13.10
CA GLU A 26 -19.95 -2.10 -12.49
C GLU A 26 -19.97 -2.35 -10.99
N PRO A 27 -19.83 -1.31 -10.16
CA PRO A 27 -19.73 -1.53 -8.71
C PRO A 27 -20.85 -2.35 -8.11
N GLN A 28 -22.05 -2.33 -8.70
CA GLN A 28 -23.16 -3.04 -8.07
C GLN A 28 -22.98 -4.55 -8.15
N TYR A 29 -22.54 -5.04 -9.31
CA TYR A 29 -22.41 -6.48 -9.51
C TYR A 29 -21.21 -7.03 -8.77
N ALA A 30 -20.12 -6.25 -8.73
CA ALA A 30 -19.01 -6.58 -7.84
C ALA A 30 -19.50 -6.70 -6.40
N LEU A 31 -20.35 -5.78 -5.97
CA LEU A 31 -20.87 -5.85 -4.61
C LEU A 31 -21.72 -7.10 -4.42
N ASP A 32 -22.63 -7.38 -5.36
CA ASP A 32 -23.60 -8.45 -5.17
C ASP A 32 -22.91 -9.82 -5.12
N SER A 33 -21.89 -10.00 -5.94
CA SER A 33 -21.25 -11.30 -5.99
C SER A 33 -20.20 -11.44 -4.90
N LEU A 34 -19.54 -10.36 -4.51
CA LEU A 34 -18.66 -10.45 -3.35
C LEU A 34 -19.44 -10.74 -2.08
N ARG A 35 -20.69 -10.30 -2.03
CA ARG A 35 -21.52 -10.59 -0.88
C ARG A 35 -21.84 -12.09 -0.77
N THR A 36 -22.06 -12.77 -1.90
CA THR A 36 -22.27 -14.22 -1.80
C THR A 36 -20.95 -14.96 -1.62
N LEU A 37 -19.86 -14.48 -2.21
CA LEU A 37 -18.58 -15.15 -2.01
C LEU A 37 -18.20 -15.15 -0.53
N LEU A 38 -18.53 -14.08 0.18
CA LEU A 38 -18.12 -13.90 1.58
C LEU A 38 -19.19 -14.30 2.57
N ASN A 39 -20.27 -14.94 2.10
CA ASN A 39 -21.46 -15.14 2.92
C ASN A 39 -21.22 -15.99 4.15
N LYS A 40 -20.15 -16.80 4.18
CA LYS A 40 -19.86 -17.56 5.40
C LYS A 40 -19.42 -16.65 6.55
N TYR A 41 -18.91 -15.46 6.24
CA TYR A 41 -18.46 -14.53 7.26
C TYR A 41 -19.52 -13.50 7.59
N GLU A 42 -20.73 -13.63 7.06
CA GLU A 42 -21.86 -12.78 7.39
C GLU A 42 -21.53 -11.31 7.20
N PRO A 43 -21.41 -10.84 5.96
CA PRO A 43 -21.09 -9.43 5.73
C PRO A 43 -22.11 -8.52 6.39
N LEU A 44 -21.60 -7.53 7.14
CA LEU A 44 -22.42 -6.53 7.78
C LEU A 44 -22.59 -5.28 6.93
N TYR A 45 -21.51 -4.80 6.33
CA TYR A 45 -21.51 -3.61 5.49
C TYR A 45 -20.54 -3.85 4.36
N ILE A 46 -20.90 -3.40 3.15
CA ILE A 46 -19.99 -3.44 2.01
C ILE A 46 -20.08 -2.11 1.28
N ALA A 47 -18.93 -1.56 0.93
CA ALA A 47 -18.92 -0.40 0.05
C ALA A 47 -18.04 -0.72 -1.14
N ALA A 48 -18.51 -0.36 -2.32
CA ALA A 48 -17.79 -0.62 -3.56
C ALA A 48 -17.74 0.66 -4.38
N VAL A 49 -16.56 1.02 -4.86
CA VAL A 49 -16.31 2.29 -5.54
C VAL A 49 -15.47 2.01 -6.77
N ARG A 50 -15.94 2.44 -7.92
CA ARG A 50 -15.16 2.37 -9.14
C ARG A 50 -14.49 3.72 -9.37
N GLU A 51 -13.21 3.69 -9.71
CA GLU A 51 -12.44 4.91 -9.99
C GLU A 51 -12.06 4.89 -11.45
N LEU A 52 -12.58 5.84 -12.24
CA LEU A 52 -12.40 5.81 -13.69
C LEU A 52 -11.68 7.06 -14.22
N HIS A 53 -10.51 7.37 -13.67
CA HIS A 53 -9.69 8.48 -14.18
C HIS A 53 -8.82 8.04 -15.34
N SER A 57 -5.54 4.84 -14.19
CA SER A 57 -5.60 3.40 -13.92
C SER A 57 -6.98 3.03 -13.40
N PRO A 58 -7.91 2.57 -14.24
CA PRO A 58 -9.25 2.21 -13.75
C PRO A 58 -9.16 1.10 -12.70
N HIS A 59 -9.90 1.26 -11.60
CA HIS A 59 -9.76 0.30 -10.51
C HIS A 59 -10.98 0.33 -9.59
N LEU A 60 -11.23 -0.81 -8.95
CA LEU A 60 -12.24 -1.00 -7.91
C LEU A 60 -11.61 -0.96 -6.53
N HIS A 61 -12.27 -0.30 -5.60
CA HIS A 61 -11.99 -0.50 -4.20
C HIS A 61 -13.25 -1.05 -3.57
N VAL A 62 -13.07 -1.97 -2.62
CA VAL A 62 -14.17 -2.55 -1.88
C VAL A 62 -13.75 -2.63 -0.42
N LEU A 63 -14.66 -2.27 0.46
CA LEU A 63 -14.44 -2.45 1.89
C LEU A 63 -15.55 -3.34 2.39
N VAL A 64 -15.19 -4.35 3.19
CA VAL A 64 -16.14 -5.33 3.69
C VAL A 64 -15.97 -5.44 5.20
N GLN A 65 -17.06 -5.29 5.91
CA GLN A 65 -17.09 -5.48 7.35
C GLN A 65 -17.96 -6.70 7.62
N ASN A 66 -17.35 -7.73 8.21
CA ASN A 66 -18.05 -9.01 8.47
C ASN A 66 -18.32 -9.20 9.96
N LYS A 67 -19.27 -10.07 10.30
CA LYS A 67 -19.63 -10.38 11.71
C LYS A 67 -18.58 -11.34 12.28
N LEU A 68 -17.91 -12.10 11.41
CA LEU A 68 -16.90 -13.08 11.90
C LEU A 68 -15.55 -12.87 11.19
N ARG A 69 -14.46 -13.11 11.92
CA ARG A 69 -13.11 -13.01 11.40
C ARG A 69 -13.01 -13.98 10.23
N ALA A 70 -12.86 -13.43 9.02
CA ALA A 70 -12.65 -14.21 7.82
C ALA A 70 -11.19 -14.67 7.79
N SER A 71 -10.96 -15.95 7.56
CA SER A 71 -9.60 -16.47 7.38
C SER A 71 -9.46 -16.85 5.91
N ILE A 72 -8.66 -16.08 5.20
CA ILE A 72 -8.50 -16.25 3.77
C ILE A 72 -7.08 -16.73 3.54
N THR A 73 -6.94 -17.91 2.93
CA THR A 73 -5.63 -18.44 2.60
C THR A 73 -5.47 -18.75 1.13
N ASN A 74 -6.53 -18.66 0.34
CA ASN A 74 -6.50 -18.82 -1.10
C ASN A 74 -6.49 -17.44 -1.73
N PRO A 75 -5.34 -16.96 -2.22
CA PRO A 75 -5.29 -15.59 -2.76
C PRO A 75 -6.20 -15.36 -3.94
N ASN A 76 -6.79 -16.40 -4.51
CA ASN A 76 -7.69 -16.22 -5.65
C ASN A 76 -9.15 -16.38 -5.27
N ALA A 77 -9.44 -16.67 -3.99
CA ALA A 77 -10.80 -16.92 -3.54
C ALA A 77 -11.77 -15.78 -3.90
N LEU A 78 -11.27 -14.57 -4.08
CA LEU A 78 -12.17 -13.44 -4.32
C LEU A 78 -12.09 -12.94 -5.75
N ASN A 79 -11.47 -13.70 -6.65
CA ASN A 79 -11.36 -13.30 -8.03
C ASN A 79 -12.75 -13.19 -8.67
N LEU A 80 -12.87 -12.30 -9.65
CA LEU A 80 -14.15 -12.06 -10.29
C LEU A 80 -14.01 -12.11 -11.79
N ARG A 81 -15.05 -12.60 -12.44
CA ARG A 81 -15.09 -12.81 -13.87
C ARG A 81 -16.21 -12.01 -14.49
N MET A 82 -15.91 -11.34 -15.61
CA MET A 82 -16.93 -10.68 -16.41
C MET A 82 -17.96 -11.69 -16.89
N ASP A 83 -19.17 -11.22 -17.18
CA ASP A 83 -20.22 -12.07 -17.73
C ASP A 83 -20.39 -11.89 -19.24
N THR A 84 -19.41 -11.29 -19.91
CA THR A 84 -19.45 -11.04 -21.34
C THR A 84 -18.02 -10.95 -21.88
N SER A 85 -17.89 -10.77 -23.19
CA SER A 85 -16.58 -10.85 -23.83
C SER A 85 -15.67 -9.71 -23.37
N PRO A 86 -14.40 -9.99 -23.00
CA PRO A 86 -13.73 -11.31 -23.10
C PRO A 86 -13.74 -12.22 -21.87
N PHE A 87 -14.63 -12.02 -20.89
CA PHE A 87 -14.80 -12.97 -19.76
C PHE A 87 -13.55 -13.02 -18.88
N SER A 88 -12.95 -11.86 -18.64
CA SER A 88 -11.65 -11.78 -17.98
C SER A 88 -11.77 -12.10 -16.50
N ILE A 89 -10.73 -12.72 -15.96
CA ILE A 89 -10.59 -12.85 -14.52
C ILE A 89 -10.05 -11.54 -13.97
N PHE A 90 -10.64 -11.06 -12.88
CA PHE A 90 -10.14 -9.86 -12.21
C PHE A 90 -9.62 -10.23 -10.83
N HIS A 91 -8.35 -9.90 -10.58
CA HIS A 91 -7.78 -10.37 -9.35
C HIS A 91 -7.54 -9.22 -8.36
N PRO A 92 -7.85 -9.42 -7.08
CA PRO A 92 -7.70 -8.33 -6.13
C PRO A 92 -6.45 -8.37 -5.27
N ASN A 93 -5.98 -7.20 -4.89
CA ASN A 93 -5.18 -7.09 -3.70
C ASN A 93 -6.11 -7.22 -2.50
N ILE A 94 -5.77 -8.11 -1.58
CA ILE A 94 -6.60 -8.42 -0.42
C ILE A 94 -5.80 -8.02 0.80
N GLN A 95 -6.32 -7.07 1.58
CA GLN A 95 -5.66 -6.66 2.81
C GLN A 95 -6.67 -6.67 3.94
N ALA A 96 -6.16 -6.82 5.16
CA ALA A 96 -6.97 -6.52 6.33
C ALA A 96 -6.97 -5.02 6.57
N ALA A 97 -8.15 -4.46 6.84
CA ALA A 97 -8.33 -3.01 6.97
C ALA A 97 -7.82 -2.55 8.33
N LYS A 98 -6.83 -1.68 8.33
CA LYS A 98 -6.29 -1.22 9.61
C LYS A 98 -7.19 -0.19 10.27
N ASP A 99 -7.95 0.56 9.48
CA ASP A 99 -8.91 1.52 10.03
C ASP A 99 -10.04 1.64 9.02
N CYS A 100 -11.19 1.08 9.37
CA CYS A 100 -12.33 1.13 8.46
C CYS A 100 -12.77 2.55 8.17
N ASN A 101 -12.65 3.45 9.14
CA ASN A 101 -13.01 4.85 8.89
C ASN A 101 -12.07 5.48 7.87
N GLN A 102 -10.76 5.26 8.03
CA GLN A 102 -9.80 5.78 7.06
C GLN A 102 -10.04 5.18 5.68
N VAL A 103 -10.28 3.87 5.60
CA VAL A 103 -10.50 3.25 4.30
C VAL A 103 -11.73 3.84 3.63
N ARG A 104 -12.87 3.82 4.33
CA ARG A 104 -14.10 4.36 3.77
C ARG A 104 -13.89 5.79 3.29
N ASP A 105 -13.24 6.60 4.11
CA ASP A 105 -12.97 7.97 3.74
C ASP A 105 -12.17 8.03 2.45
N PHE A 106 -11.18 7.15 2.31
CA PHE A 106 -10.27 7.20 1.16
C PHE A 106 -10.99 6.91 -0.14
N ILE A 107 -11.92 5.95 -0.14
CA ILE A 107 -12.47 5.49 -1.40
C ILE A 107 -13.69 6.31 -1.80
N THR A 108 -14.48 6.77 -0.83
CA THR A 108 -15.59 7.64 -1.17
C THR A 108 -15.12 9.03 -1.62
N LYS A 109 -13.97 9.51 -1.11
CA LYS A 109 -13.42 10.77 -1.61
C LYS A 109 -12.93 10.64 -3.05
N GLU A 110 -12.40 9.45 -3.37
CA GLU A 110 -11.86 9.11 -4.72
C GLU A 110 -13.00 9.18 -5.75
N VAL A 111 -14.22 8.84 -5.33
CA VAL A 111 -15.40 8.85 -6.24
C VAL A 111 -15.49 10.23 -6.91
N SER A 113 -18.15 11.07 -9.09
CA SER A 113 -19.61 10.95 -9.20
C SER A 113 -20.16 9.85 -8.30
N ASP A 114 -21.37 10.06 -7.76
CA ASP A 114 -22.07 9.07 -6.96
C ASP A 114 -22.70 7.98 -7.82
N VAL A 115 -22.48 8.00 -9.13
CA VAL A 115 -22.94 6.90 -9.97
C VAL A 115 -22.05 5.67 -9.79
N ASN A 116 -20.79 5.88 -9.41
CA ASN A 116 -19.78 4.84 -9.35
C ASN A 116 -19.64 4.19 -7.99
N THR A 117 -20.66 4.31 -7.15
CA THR A 117 -20.59 3.82 -5.77
C THR A 117 -21.70 2.79 -5.54
N ALA A 118 -21.46 1.93 -4.57
CA ALA A 118 -22.44 0.92 -4.20
C ALA A 118 -22.24 0.60 -2.73
N GLU A 119 -23.29 0.73 -1.93
CA GLU A 119 -23.23 0.40 -0.52
C GLU A 119 -24.34 -0.57 -0.22
N TRP A 120 -24.12 -1.35 0.84
CA TRP A 120 -25.12 -2.29 1.30
C TRP A 120 -24.90 -2.51 2.79
N GLY A 121 -25.98 -2.58 3.56
CA GLY A 121 -25.90 -2.75 4.99
C GLY A 121 -25.64 -1.46 5.74
N THR A 122 -25.39 -1.60 7.04
CA THR A 122 -25.21 -0.46 7.92
C THR A 122 -23.76 -0.40 8.37
N PHE A 123 -23.12 0.74 8.15
CA PHE A 123 -21.71 0.86 8.46
C PHE A 123 -21.49 0.61 9.94
N VAL A 124 -20.45 -0.15 10.25
CA VAL A 124 -20.15 -0.55 11.61
C VAL A 124 -19.11 0.39 12.22
N ALA A 125 -19.35 0.84 13.44
CA ALA A 125 -18.46 1.76 14.13
C ALA A 125 -17.44 0.95 14.91
N VAL A 126 -16.31 0.66 14.27
CA VAL A 126 -15.27 -0.16 14.87
C VAL A 126 -14.66 0.55 16.07
N SER A 127 -14.18 -0.25 17.02
CA SER A 127 -13.61 0.24 18.27
C SER A 127 -12.18 -0.28 18.52
N PHE D 9 7.75 -1.57 -15.17
CA PHE D 9 8.08 -0.81 -13.96
C PHE D 9 9.00 0.39 -14.20
N ARG D 10 8.46 1.59 -13.97
CA ARG D 10 9.20 2.82 -13.79
C ARG D 10 8.73 3.50 -12.52
N VAL D 11 9.62 4.28 -11.93
CA VAL D 11 9.28 5.28 -10.94
C VAL D 11 10.00 6.55 -11.34
N TYR D 12 9.24 7.62 -11.53
CA TYR D 12 9.77 8.86 -12.08
C TYR D 12 9.26 9.94 -11.15
N SER D 13 10.17 10.54 -10.38
CA SER D 13 9.79 11.38 -9.25
C SER D 13 11.00 11.93 -8.53
N LYS D 14 10.84 13.09 -7.91
CA LYS D 14 11.85 13.60 -6.98
C LYS D 14 11.68 13.03 -5.59
N TYR D 15 10.53 12.47 -5.29
CA TYR D 15 10.18 12.03 -3.94
C TYR D 15 9.95 10.53 -3.96
N LEU D 16 10.79 9.82 -3.21
CA LEU D 16 10.77 8.38 -3.18
C LEU D 16 10.38 7.95 -1.78
N PHE D 17 9.41 7.03 -1.70
CA PHE D 17 9.00 6.42 -0.46
C PHE D 17 9.32 4.94 -0.60
N LEU D 18 10.20 4.44 0.26
CA LEU D 18 10.78 3.11 0.17
C LEU D 18 10.44 2.32 1.42
N THR D 19 10.11 1.04 1.27
CA THR D 19 9.87 0.15 2.41
C THR D 19 10.69 -1.13 2.23
N TYR D 20 11.53 -1.44 3.21
CA TYR D 20 12.29 -2.69 3.22
C TYR D 20 11.70 -3.64 4.25
N PRO D 21 10.82 -4.55 3.85
CA PRO D 21 10.29 -5.51 4.83
C PRO D 21 11.35 -6.53 5.23
N GLN D 22 11.13 -7.13 6.41
CA GLN D 22 12.05 -8.11 6.99
C GLN D 22 13.50 -7.64 6.88
N CYS D 23 13.74 -6.48 7.46
CA CYS D 23 15.02 -5.81 7.41
C CYS D 23 15.28 -5.18 8.76
N THR D 24 16.51 -5.33 9.25
CA THR D 24 16.86 -4.83 10.55
C THR D 24 18.00 -3.82 10.53
N LEU D 25 18.53 -3.50 9.34
CA LEU D 25 19.72 -2.69 9.21
C LEU D 25 19.57 -1.39 9.99
N GLU D 26 20.62 -1.02 10.71
CA GLU D 26 20.61 0.23 11.44
C GLU D 26 20.30 1.34 10.46
N PRO D 27 19.33 2.21 10.75
CA PRO D 27 18.85 3.15 9.74
C PRO D 27 19.91 4.12 9.28
N GLN D 28 20.97 4.34 10.07
CA GLN D 28 22.04 5.22 9.64
C GLN D 28 22.77 4.64 8.44
N TYR D 29 22.99 3.33 8.44
CA TYR D 29 23.61 2.66 7.31
C TYR D 29 22.78 2.82 6.04
N ALA D 30 21.47 2.59 6.14
CA ALA D 30 20.57 2.75 5.01
C ALA D 30 20.68 4.16 4.42
N LEU D 31 20.62 5.17 5.29
CA LEU D 31 20.73 6.56 4.87
C LEU D 31 22.04 6.81 4.13
N ASP D 32 23.17 6.53 4.79
CA ASP D 32 24.47 6.84 4.18
C ASP D 32 24.62 6.22 2.82
N SER D 33 24.07 5.02 2.64
CA SER D 33 24.26 4.32 1.39
C SER D 33 23.20 4.66 0.35
N LEU D 34 21.96 4.86 0.76
CA LEU D 34 20.98 5.37 -0.19
C LEU D 34 21.35 6.77 -0.65
N ARG D 35 22.08 7.50 0.21
CA ARG D 35 22.55 8.83 -0.15
C ARG D 35 23.61 8.78 -1.25
N THR D 36 24.46 7.75 -1.28
CA THR D 36 25.44 7.69 -2.35
C THR D 36 24.84 7.10 -3.61
N LEU D 37 23.90 6.15 -3.47
CA LEU D 37 23.22 5.63 -4.65
C LEU D 37 22.51 6.73 -5.42
N LEU D 38 21.76 7.57 -4.72
CA LEU D 38 20.94 8.62 -5.32
C LEU D 38 21.68 9.95 -5.50
N ASN D 39 23.01 9.96 -5.37
CA ASN D 39 23.77 11.21 -5.40
C ASN D 39 23.58 11.97 -6.71
N LYS D 40 23.52 11.27 -7.84
CA LYS D 40 23.31 11.93 -9.13
C LYS D 40 22.07 12.82 -9.13
N TYR D 41 21.08 12.55 -8.29
CA TYR D 41 19.88 13.36 -8.27
C TYR D 41 19.89 14.46 -7.22
N GLU D 42 21.03 14.67 -6.55
CA GLU D 42 21.22 15.70 -5.54
C GLU D 42 20.19 15.57 -4.41
N PRO D 43 20.37 14.60 -3.50
CA PRO D 43 19.42 14.43 -2.40
C PRO D 43 19.39 15.66 -1.50
N LEU D 44 18.17 16.10 -1.17
CA LEU D 44 18.02 17.23 -0.27
C LEU D 44 17.65 16.81 1.14
N TYR D 45 17.08 15.63 1.31
CA TYR D 45 16.60 15.20 2.61
C TYR D 45 16.39 13.70 2.57
N ILE D 46 16.88 13.02 3.60
CA ILE D 46 16.63 11.59 3.76
C ILE D 46 16.16 11.36 5.18
N ALA D 47 15.21 10.45 5.34
CA ALA D 47 14.67 10.08 6.65
C ALA D 47 14.46 8.57 6.67
N ALA D 48 15.24 7.87 7.48
CA ALA D 48 15.09 6.42 7.64
C ALA D 48 14.47 6.12 9.01
N VAL D 49 13.61 5.12 9.03
CA VAL D 49 12.92 4.69 10.24
C VAL D 49 12.89 3.17 10.25
N ARG D 50 13.37 2.59 11.35
CA ARG D 50 13.31 1.15 11.58
C ARG D 50 12.20 0.87 12.59
N GLU D 51 11.30 -0.03 12.22
CA GLU D 51 10.21 -0.45 13.10
C GLU D 51 10.51 -1.88 13.55
N LEU D 52 10.60 -2.08 14.85
CA LEU D 52 10.92 -3.40 15.40
C LEU D 52 9.79 -3.97 16.28
N SER D 57 7.27 -8.94 10.33
CA SER D 57 6.92 -7.62 10.86
C SER D 57 8.02 -6.52 10.81
N PRO D 58 9.27 -6.81 11.22
CA PRO D 58 10.28 -5.73 11.35
C PRO D 58 10.76 -5.22 10.00
N HIS D 59 10.67 -3.91 9.79
CA HIS D 59 10.88 -3.33 8.46
C HIS D 59 11.54 -1.96 8.55
N LEU D 60 11.98 -1.46 7.39
CA LEU D 60 12.51 -0.12 7.21
C LEU D 60 11.63 0.72 6.30
N HIS D 61 11.44 1.98 6.65
CA HIS D 61 10.91 2.98 5.74
C HIS D 61 11.97 4.03 5.49
N VAL D 62 12.10 4.47 4.24
CA VAL D 62 13.00 5.55 3.88
C VAL D 62 12.23 6.51 2.99
N LEU D 63 12.29 7.81 3.30
CA LEU D 63 11.76 8.86 2.45
C LEU D 63 12.93 9.68 1.92
N VAL D 64 12.95 9.92 0.61
CA VAL D 64 14.06 10.64 -0.02
C VAL D 64 13.47 11.76 -0.85
N GLN D 65 13.98 12.98 -0.64
CA GLN D 65 13.68 14.13 -1.48
C GLN D 65 14.94 14.55 -2.20
N ASN D 66 14.86 14.70 -3.52
CA ASN D 66 15.97 15.06 -4.38
C ASN D 66 15.65 16.36 -5.11
N LYS D 67 16.71 17.08 -5.49
CA LYS D 67 16.56 18.30 -6.30
C LYS D 67 15.97 17.98 -7.68
N LEU D 68 16.47 16.93 -8.33
CA LEU D 68 16.09 16.54 -9.69
C LEU D 68 15.17 15.32 -9.68
N ARG D 69 14.37 15.19 -10.75
CA ARG D 69 13.49 14.04 -10.90
C ARG D 69 14.33 12.78 -11.13
N ALA D 70 14.13 11.77 -10.29
CA ALA D 70 14.84 10.51 -10.44
C ALA D 70 14.06 9.58 -11.37
N SER D 71 14.78 8.86 -12.21
CA SER D 71 14.15 7.91 -13.12
C SER D 71 14.69 6.54 -12.77
N ILE D 72 13.87 5.76 -12.07
CA ILE D 72 14.24 4.42 -11.65
C ILE D 72 13.56 3.45 -12.59
N THR D 73 14.35 2.82 -13.46
CA THR D 73 13.85 1.77 -14.33
C THR D 73 14.29 0.39 -13.90
N ASN D 74 15.33 0.30 -13.07
CA ASN D 74 15.83 -0.96 -12.54
C ASN D 74 15.28 -1.18 -11.15
N PRO D 75 14.46 -2.21 -10.91
CA PRO D 75 13.83 -2.36 -9.59
C PRO D 75 14.79 -2.85 -8.51
N ASN D 76 15.99 -3.25 -8.87
CA ASN D 76 16.98 -3.64 -7.89
C ASN D 76 18.04 -2.58 -7.68
N ALA D 77 17.90 -1.42 -8.33
CA ALA D 77 18.91 -0.38 -8.19
C ALA D 77 19.01 0.16 -6.77
N LEU D 78 17.98 0.00 -5.96
CA LEU D 78 17.98 0.54 -4.61
C LEU D 78 18.07 -0.55 -3.55
N ASN D 79 18.58 -1.73 -3.92
CA ASN D 79 18.75 -2.81 -2.97
C ASN D 79 19.92 -2.52 -2.03
N LEU D 80 19.81 -2.99 -0.79
CA LEU D 80 20.85 -2.83 0.21
C LEU D 80 21.51 -4.18 0.53
N ARG D 81 22.81 -4.14 0.77
CA ARG D 81 23.59 -5.30 1.17
C ARG D 81 24.17 -5.04 2.55
N MET D 82 24.39 -6.10 3.31
CA MET D 82 24.98 -5.93 4.61
C MET D 82 26.49 -5.65 4.47
N ASP D 83 27.11 -5.24 5.57
CA ASP D 83 28.56 -5.09 5.60
C ASP D 83 29.30 -6.30 6.18
N THR D 84 28.62 -7.19 6.90
CA THR D 84 29.19 -8.46 7.34
C THR D 84 28.35 -9.60 6.79
N SER D 85 28.92 -10.83 6.85
CA SER D 85 28.16 -12.01 6.42
C SER D 85 26.88 -12.13 7.24
N PRO D 86 25.86 -12.83 6.70
CA PRO D 86 25.87 -13.55 5.41
C PRO D 86 25.74 -12.63 4.19
N PHE D 87 26.01 -11.32 4.36
CA PHE D 87 25.97 -10.35 3.26
C PHE D 87 24.61 -10.39 2.57
N SER D 88 23.58 -10.38 3.39
CA SER D 88 22.21 -10.46 2.89
C SER D 88 21.91 -9.23 2.06
N ILE D 89 21.10 -9.44 1.04
CA ILE D 89 20.62 -8.38 0.15
C ILE D 89 19.20 -8.05 0.57
N PHE D 90 18.81 -6.79 0.43
CA PHE D 90 17.48 -6.35 0.86
C PHE D 90 16.82 -5.53 -0.24
N HIS D 91 15.64 -6.03 -0.74
CA HIS D 91 14.94 -5.40 -1.85
C HIS D 91 13.77 -4.54 -1.34
N PRO D 92 13.67 -3.28 -1.73
CA PRO D 92 12.56 -2.46 -1.25
C PRO D 92 11.36 -2.48 -2.18
N ASN D 93 10.24 -2.05 -1.62
CA ASN D 93 9.13 -1.52 -2.40
C ASN D 93 9.47 -0.07 -2.73
N ILE D 94 9.46 0.30 -4.00
CA ILE D 94 9.80 1.67 -4.42
C ILE D 94 8.53 2.34 -4.96
N GLN D 95 8.04 3.36 -4.26
CA GLN D 95 6.95 4.18 -4.74
C GLN D 95 7.40 5.64 -4.79
N ALA D 96 6.85 6.37 -5.75
CA ALA D 96 6.93 7.83 -5.73
C ALA D 96 6.00 8.38 -4.64
N ALA D 97 6.54 9.22 -3.76
CA ALA D 97 5.74 9.80 -2.70
C ALA D 97 4.67 10.71 -3.28
N LYS D 98 3.41 10.47 -2.92
CA LYS D 98 2.33 11.31 -3.42
C LYS D 98 2.20 12.58 -2.59
N ASP D 99 2.18 12.39 -1.27
CA ASP D 99 2.13 13.51 -0.28
C ASP D 99 3.34 13.33 0.65
N CYS D 100 4.35 14.18 0.49
CA CYS D 100 5.60 14.09 1.31
C CYS D 100 5.28 14.28 2.80
N ASN D 101 4.35 15.18 3.13
CA ASN D 101 3.98 15.43 4.54
C ASN D 101 3.31 14.17 5.10
N GLN D 102 2.46 13.54 4.30
CA GLN D 102 1.75 12.30 4.72
C GLN D 102 2.77 11.21 5.05
N VAL D 103 3.75 11.00 4.17
CA VAL D 103 4.80 9.96 4.37
C VAL D 103 5.64 10.33 5.59
N ARG D 104 6.00 11.60 5.73
CA ARG D 104 6.83 12.08 6.86
C ARG D 104 6.10 11.81 8.18
N ASP D 105 4.81 12.18 8.26
CA ASP D 105 4.06 11.97 9.48
C ASP D 105 3.91 10.49 9.78
N PHE D 106 3.71 9.68 8.73
CA PHE D 106 3.56 8.24 8.92
C PHE D 106 4.77 7.63 9.62
N ILE D 107 5.97 7.85 9.08
CA ILE D 107 7.12 7.10 9.57
C ILE D 107 7.64 7.66 10.89
N THR D 108 7.43 8.96 11.15
CA THR D 108 7.81 9.50 12.45
C THR D 108 6.95 8.89 13.55
N LYS D 109 5.62 8.83 13.34
CA LYS D 109 4.72 8.24 14.31
C LYS D 109 5.13 6.83 14.69
N GLU D 110 5.87 6.15 13.81
CA GLU D 110 6.27 4.76 14.03
C GLU D 110 7.52 4.62 14.89
N VAL D 111 8.32 5.68 15.02
CA VAL D 111 9.66 5.61 15.59
C VAL D 111 9.65 5.34 17.08
N SER D 113 11.71 5.17 19.62
CA SER D 113 13.08 5.26 20.13
C SER D 113 14.02 6.07 19.24
N ASP D 114 14.87 6.88 19.85
CA ASP D 114 15.74 7.76 19.07
C ASP D 114 16.84 6.99 18.33
N VAL D 115 17.05 5.70 18.63
CA VAL D 115 18.10 4.94 17.96
C VAL D 115 17.60 4.27 16.69
N ASN D 116 16.30 4.35 16.41
CA ASN D 116 15.74 3.77 15.20
C ASN D 116 15.35 4.83 14.19
N THR D 117 15.85 6.04 14.34
CA THR D 117 15.61 7.13 13.41
C THR D 117 16.95 7.63 12.92
N ALA D 118 16.96 8.12 11.69
CA ALA D 118 18.16 8.72 11.10
C ALA D 118 17.67 9.75 10.10
N GLU D 119 17.95 11.02 10.36
CA GLU D 119 17.60 12.10 9.47
C GLU D 119 18.88 12.70 8.89
N TRP D 120 18.70 13.49 7.84
CA TRP D 120 19.79 14.18 7.17
C TRP D 120 19.19 15.13 6.14
N GLY D 121 19.45 16.41 6.27
CA GLY D 121 18.98 17.38 5.31
C GLY D 121 17.78 18.14 5.82
N THR D 122 17.16 18.88 4.90
CA THR D 122 16.09 19.81 5.21
C THR D 122 14.86 19.40 4.42
N PHE D 123 13.84 18.91 5.13
CA PHE D 123 12.60 18.44 4.53
C PHE D 123 11.99 19.53 3.66
N VAL D 124 11.60 19.15 2.46
CA VAL D 124 11.06 20.10 1.50
C VAL D 124 9.54 20.11 1.63
N ALA D 125 8.98 21.29 1.86
CA ALA D 125 7.53 21.45 1.94
C ALA D 125 6.98 21.61 0.53
N VAL D 126 6.18 20.64 0.09
CA VAL D 126 5.84 20.49 -1.32
C VAL D 126 4.41 20.92 -1.68
#